data_8HM5
#
_entry.id   8HM5
#
_cell.length_a   43.470
_cell.length_b   81.210
_cell.length_c   79.830
_cell.angle_alpha   90.000
_cell.angle_beta   93.110
_cell.angle_gamma   90.000
#
_symmetry.space_group_name_H-M   'P 1 21 1'
#
loop_
_entity.id
_entity.type
_entity.pdbx_description
1 polymer 'Epoxide hydrolase'
2 water water
#
_entity_poly.entity_id   1
_entity_poly.type   'polypeptide(L)'
_entity_poly.pdbx_seq_one_letter_code
;MTSDITGGVKEYDIATNGISLHVTEQGAGPAVLFCHGFPDTSYTWRRQMNAIASAGYRAIAPDMRGYGRSSAPADASLYT
PLHTTGDLIGLLDALKISSAVLVGHDWGATHAWNAALMRPDRFKAVFGLSVPFVTRGESSVFERMRESGRQDDFYMFEQI
RPDADQIWADAAVTIPGILYWASGSAPEGEQWSPLDRTRSLYRAAPGPLPSWAEADYVAHNIAEFRRTGFHGGLNYYRAA
EPYFTLSAPWKGAKITQPSFFIWGKSDGLKELYPFTLQQMRAGLPGLMGGLELDNVGHWVQHEASAEVSEQLVRFLRTVD
AVLS
;
_entity_poly.pdbx_strand_id   A,B
#
# COMPACT_ATOMS: atom_id res chain seq x y z
N GLY A 7 -21.52 -24.74 -16.02
CA GLY A 7 -20.71 -24.04 -17.00
C GLY A 7 -21.43 -23.10 -17.97
N GLY A 8 -20.64 -22.47 -18.86
CA GLY A 8 -21.09 -21.45 -19.78
C GLY A 8 -20.36 -20.14 -19.54
N VAL A 9 -19.37 -19.79 -20.36
CA VAL A 9 -18.48 -18.66 -20.06
C VAL A 9 -19.04 -17.39 -20.69
N LYS A 10 -19.07 -16.31 -19.90
CA LYS A 10 -19.58 -15.03 -20.36
C LYS A 10 -18.53 -13.96 -20.15
N GLU A 11 -18.65 -12.89 -20.95
CA GLU A 11 -17.67 -11.81 -21.01
C GLU A 11 -18.36 -10.47 -20.91
N TYR A 12 -17.68 -9.51 -20.30
CA TYR A 12 -18.23 -8.18 -20.09
C TYR A 12 -17.10 -7.28 -19.61
N ASP A 13 -17.34 -5.98 -19.62
CA ASP A 13 -16.41 -4.98 -19.13
C ASP A 13 -16.94 -4.32 -17.87
N ILE A 14 -16.02 -3.93 -16.99
CA ILE A 14 -16.34 -3.31 -15.71
C ILE A 14 -15.55 -2.01 -15.62
N ALA A 15 -16.21 -0.93 -15.22
CA ALA A 15 -15.54 0.31 -14.86
C ALA A 15 -15.07 0.19 -13.41
N THR A 16 -13.76 0.15 -13.20
CA THR A 16 -13.22 0.07 -11.86
C THR A 16 -11.87 0.76 -11.82
N ASN A 17 -11.60 1.45 -10.71
CA ASN A 17 -10.27 1.98 -10.45
C ASN A 17 -9.80 2.96 -11.53
N GLY A 18 -10.74 3.61 -12.21
CA GLY A 18 -10.38 4.56 -13.24
C GLY A 18 -9.96 3.96 -14.56
N ILE A 19 -10.27 2.69 -14.80
CA ILE A 19 -9.93 2.01 -16.05
C ILE A 19 -11.07 1.08 -16.44
N SER A 20 -10.90 0.42 -17.58
CA SER A 20 -11.76 -0.66 -18.03
C SER A 20 -11.10 -2.01 -17.77
N LEU A 21 -11.85 -2.95 -17.22
CA LEU A 21 -11.39 -4.31 -16.98
C LEU A 21 -12.26 -5.27 -17.77
N HIS A 22 -11.65 -6.03 -18.69
CA HIS A 22 -12.40 -7.07 -19.37
C HIS A 22 -12.46 -8.30 -18.48
N VAL A 23 -13.68 -8.80 -18.26
CA VAL A 23 -13.93 -9.88 -17.32
C VAL A 23 -14.56 -11.05 -18.04
N THR A 24 -14.01 -12.24 -17.84
CA THR A 24 -14.69 -13.48 -18.18
C THR A 24 -15.05 -14.22 -16.89
N GLU A 25 -16.11 -15.01 -16.95
CA GLU A 25 -16.57 -15.65 -15.73
C GLU A 25 -17.42 -16.86 -16.07
N GLN A 26 -17.52 -17.79 -15.12
CA GLN A 26 -18.27 -19.01 -15.33
C GLN A 26 -18.61 -19.61 -13.97
N GLY A 27 -19.85 -20.09 -13.84
CA GLY A 27 -20.25 -20.79 -12.64
C GLY A 27 -20.97 -19.88 -11.65
N ALA A 28 -21.29 -20.50 -10.51
CA ALA A 28 -21.98 -19.86 -9.41
C ALA A 28 -21.47 -20.50 -8.13
N GLY A 29 -21.42 -19.70 -7.06
CA GLY A 29 -20.88 -20.16 -5.80
C GLY A 29 -19.89 -19.18 -5.20
N PRO A 30 -19.06 -19.66 -4.27
CA PRO A 30 -17.98 -18.82 -3.74
C PRO A 30 -17.04 -18.39 -4.85
N ALA A 31 -16.56 -17.14 -4.76
CA ALA A 31 -15.81 -16.48 -5.81
C ALA A 31 -14.35 -16.87 -5.81
N VAL A 32 -13.84 -17.23 -6.98
CA VAL A 32 -12.42 -17.51 -7.20
C VAL A 32 -11.95 -16.57 -8.30
N LEU A 33 -10.90 -15.82 -8.03
CA LEU A 33 -10.47 -14.71 -8.85
C LEU A 33 -9.12 -15.07 -9.45
N PHE A 34 -9.06 -15.22 -10.77
CA PHE A 34 -7.83 -15.66 -11.44
C PHE A 34 -7.03 -14.48 -11.96
N CYS A 35 -5.71 -14.55 -11.81
CA CYS A 35 -4.80 -13.49 -12.24
C CYS A 35 -3.67 -14.08 -13.09
N HIS A 36 -3.69 -13.81 -14.40
CA HIS A 36 -2.60 -14.24 -15.33
C HIS A 36 -1.41 -13.28 -15.21
N GLY A 37 -0.30 -13.66 -15.84
CA GLY A 37 0.94 -12.86 -15.92
C GLY A 37 1.36 -12.55 -17.35
N PHE A 38 2.66 -12.52 -17.61
CA PHE A 38 3.23 -12.17 -18.92
C PHE A 38 3.66 -13.42 -19.69
N PRO A 39 3.57 -13.41 -21.03
CA PRO A 39 2.63 -12.56 -21.73
C PRO A 39 1.34 -13.37 -21.91
N ASP A 40 0.38 -13.10 -21.05
CA ASP A 40 -0.82 -13.94 -21.06
C ASP A 40 -2.07 -13.09 -21.06
N THR A 41 -3.19 -13.77 -21.06
CA THR A 41 -4.57 -13.23 -21.01
C THR A 41 -5.41 -14.13 -20.14
N SER A 42 -6.61 -13.65 -19.82
CA SER A 42 -7.59 -14.39 -19.01
C SER A 42 -7.86 -15.78 -19.57
N TYR A 43 -7.70 -15.96 -20.89
CA TYR A 43 -8.02 -17.25 -21.52
C TYR A 43 -7.14 -18.37 -20.97
N THR A 44 -6.03 -18.02 -20.32
CA THR A 44 -5.13 -19.03 -19.79
C THR A 44 -5.78 -19.90 -18.73
N TRP A 45 -6.92 -19.47 -18.18
CA TRP A 45 -7.57 -20.15 -17.06
C TRP A 45 -8.77 -21.03 -17.45
N ARG A 46 -9.09 -21.10 -18.75
CA ARG A 46 -10.37 -21.67 -19.16
C ARG A 46 -10.59 -23.08 -18.64
N ARG A 47 -9.55 -23.92 -18.65
CA ARG A 47 -9.70 -25.29 -18.16
C ARG A 47 -9.93 -25.33 -16.65
N GLN A 48 -9.26 -24.45 -15.90
CA GLN A 48 -9.46 -24.37 -14.46
C GLN A 48 -10.82 -23.75 -14.13
N MET A 49 -11.20 -22.70 -14.88
CA MET A 49 -12.51 -22.09 -14.70
C MET A 49 -13.63 -23.11 -14.89
N ASN A 50 -13.53 -23.92 -15.96
CA ASN A 50 -14.55 -24.92 -16.22
C ASN A 50 -14.58 -25.98 -15.12
N ALA A 51 -13.40 -26.39 -14.64
CA ALA A 51 -13.34 -27.42 -13.61
C ALA A 51 -13.96 -26.96 -12.30
N ILE A 52 -13.75 -25.70 -11.91
CA ILE A 52 -14.30 -25.26 -10.63
C ILE A 52 -15.75 -24.82 -10.78
N ALA A 53 -16.17 -24.42 -11.99
CA ALA A 53 -17.60 -24.21 -12.23
C ALA A 53 -18.37 -25.49 -11.96
N SER A 54 -17.87 -26.63 -12.45
CA SER A 54 -18.56 -27.89 -12.21
C SER A 54 -18.57 -28.28 -10.74
N ALA A 55 -17.65 -27.74 -9.94
CA ALA A 55 -17.54 -28.10 -8.53
C ALA A 55 -18.30 -27.15 -7.62
N GLY A 56 -18.98 -26.15 -8.18
CA GLY A 56 -19.81 -25.24 -7.40
C GLY A 56 -19.23 -23.87 -7.13
N TYR A 57 -18.26 -23.40 -7.91
CA TYR A 57 -17.61 -22.12 -7.66
C TYR A 57 -17.83 -21.18 -8.84
N ARG A 58 -17.88 -19.90 -8.53
CA ARG A 58 -17.93 -18.83 -9.51
C ARG A 58 -16.50 -18.46 -9.92
N ALA A 59 -16.09 -18.84 -11.12
CA ALA A 59 -14.77 -18.49 -11.62
C ALA A 59 -14.82 -17.13 -12.29
N ILE A 60 -13.95 -16.22 -11.86
CA ILE A 60 -13.86 -14.88 -12.43
C ILE A 60 -12.41 -14.67 -12.88
N ALA A 61 -12.23 -14.36 -14.17
CA ALA A 61 -10.89 -14.27 -14.75
C ALA A 61 -10.79 -13.05 -15.66
N PRO A 62 -10.39 -11.92 -15.12
CA PRO A 62 -10.26 -10.73 -15.97
C PRO A 62 -8.97 -10.77 -16.75
N ASP A 63 -8.97 -10.06 -17.90
CA ASP A 63 -7.71 -9.59 -18.47
C ASP A 63 -7.09 -8.60 -17.51
N MET A 64 -5.86 -8.84 -17.09
CA MET A 64 -5.26 -7.87 -16.19
C MET A 64 -4.98 -6.59 -16.97
N ARG A 65 -4.84 -5.48 -16.22
CA ARG A 65 -4.57 -4.20 -16.87
C ARG A 65 -3.29 -4.31 -17.69
N GLY A 66 -3.29 -3.67 -18.86
CA GLY A 66 -2.22 -3.83 -19.81
C GLY A 66 -2.38 -4.95 -20.82
N TYR A 67 -3.47 -5.72 -20.77
CA TYR A 67 -3.60 -6.90 -21.61
C TYR A 67 -5.01 -7.00 -22.18
N GLY A 68 -5.10 -7.67 -23.33
CA GLY A 68 -6.41 -8.05 -23.85
C GLY A 68 -7.29 -6.86 -24.12
N ARG A 69 -8.54 -6.95 -23.67
CA ARG A 69 -9.51 -5.88 -23.82
C ARG A 69 -9.57 -4.98 -22.60
N SER A 70 -8.63 -5.12 -21.67
CA SER A 70 -8.52 -4.23 -20.52
C SER A 70 -7.73 -2.99 -20.90
N SER A 71 -7.92 -1.92 -20.13
CA SER A 71 -7.15 -0.73 -20.47
C SER A 71 -5.66 -1.01 -20.26
N ALA A 72 -4.89 -0.28 -21.06
CA ALA A 72 -3.44 -0.49 -21.14
C ALA A 72 -2.74 0.86 -21.22
N PRO A 73 -2.78 1.64 -20.14
CA PRO A 73 -2.07 2.93 -20.15
C PRO A 73 -0.57 2.73 -20.40
N ALA A 74 0.04 3.74 -21.03
CA ALA A 74 1.44 3.66 -21.40
C ALA A 74 2.36 3.72 -20.20
N ASP A 75 1.98 4.46 -19.16
CA ASP A 75 2.88 4.77 -18.06
C ASP A 75 3.16 3.53 -17.24
N ALA A 76 4.43 3.14 -17.14
CA ALA A 76 4.82 1.99 -16.34
C ALA A 76 4.50 2.18 -14.86
N SER A 77 4.41 3.42 -14.38
CA SER A 77 4.17 3.63 -12.95
C SER A 77 2.78 3.13 -12.53
N LEU A 78 1.90 2.88 -13.49
CA LEU A 78 0.52 2.46 -13.26
C LEU A 78 0.36 0.94 -13.18
N TYR A 79 1.45 0.20 -13.00
CA TYR A 79 1.39 -1.26 -13.06
C TYR A 79 2.05 -1.89 -11.84
N THR A 80 1.91 -1.26 -10.68
CA THR A 80 2.36 -1.86 -9.42
C THR A 80 1.26 -2.76 -8.84
N PRO A 81 1.61 -3.60 -7.86
CA PRO A 81 0.56 -4.33 -7.12
C PRO A 81 -0.49 -3.42 -6.50
N LEU A 82 -0.16 -2.16 -6.22
CA LEU A 82 -1.16 -1.24 -5.70
C LEU A 82 -2.26 -0.99 -6.73
N HIS A 83 -1.88 -0.89 -8.00
CA HIS A 83 -2.84 -0.61 -9.06
C HIS A 83 -3.68 -1.83 -9.40
N THR A 84 -3.07 -3.02 -9.39
CA THR A 84 -3.83 -4.22 -9.68
C THR A 84 -4.70 -4.67 -8.51
N THR A 85 -4.29 -4.41 -7.26
CA THR A 85 -5.16 -4.74 -6.14
C THR A 85 -6.36 -3.80 -6.11
N GLY A 86 -6.13 -2.53 -6.44
CA GLY A 86 -7.24 -1.61 -6.60
C GLY A 86 -8.22 -2.08 -7.66
N ASP A 87 -7.69 -2.57 -8.79
CA ASP A 87 -8.54 -3.20 -9.80
C ASP A 87 -9.39 -4.31 -9.18
N LEU A 88 -8.75 -5.21 -8.42
CA LEU A 88 -9.49 -6.39 -7.96
C LEU A 88 -10.50 -6.04 -6.88
N ILE A 89 -10.14 -5.14 -5.96
CA ILE A 89 -11.10 -4.68 -4.96
C ILE A 89 -12.29 -4.01 -5.63
N GLY A 90 -12.01 -3.16 -6.62
CA GLY A 90 -13.09 -2.49 -7.32
C GLY A 90 -13.93 -3.43 -8.16
N LEU A 91 -13.30 -4.49 -8.68
CA LEU A 91 -14.04 -5.48 -9.44
C LEU A 91 -15.02 -6.23 -8.56
N LEU A 92 -14.54 -6.77 -7.43
CA LEU A 92 -15.42 -7.41 -6.46
C LEU A 92 -16.52 -6.48 -6.02
N ASP A 93 -16.19 -5.22 -5.75
CA ASP A 93 -17.21 -4.25 -5.36
C ASP A 93 -18.26 -4.13 -6.44
N ALA A 94 -17.82 -3.97 -7.69
CA ALA A 94 -18.78 -3.80 -8.78
C ALA A 94 -19.65 -5.02 -8.94
N LEU A 95 -19.12 -6.20 -8.62
CA LEU A 95 -19.91 -7.44 -8.68
C LEU A 95 -20.63 -7.72 -7.36
N LYS A 96 -20.48 -6.85 -6.37
CA LYS A 96 -21.00 -6.97 -5.00
C LYS A 96 -20.82 -8.38 -4.46
N ILE A 97 -19.54 -8.73 -4.48
CA ILE A 97 -18.99 -9.94 -3.90
C ILE A 97 -18.22 -9.55 -2.64
N SER A 98 -18.43 -10.30 -1.55
CA SER A 98 -17.76 -9.84 -0.33
C SER A 98 -16.33 -10.32 -0.27
N SER A 99 -16.01 -11.54 -0.67
CA SER A 99 -14.64 -12.02 -0.59
C SER A 99 -14.43 -13.07 -1.68
N ALA A 100 -13.16 -13.43 -1.90
CA ALA A 100 -12.81 -14.38 -2.95
C ALA A 100 -11.47 -15.03 -2.63
N VAL A 101 -11.26 -16.20 -3.20
CA VAL A 101 -9.94 -16.84 -3.22
C VAL A 101 -9.18 -16.33 -4.43
N LEU A 102 -7.91 -15.99 -4.23
CA LEU A 102 -7.05 -15.58 -5.32
C LEU A 102 -6.37 -16.79 -5.95
N VAL A 103 -6.31 -16.79 -7.29
CA VAL A 103 -5.43 -17.66 -8.06
C VAL A 103 -4.54 -16.78 -8.93
N GLY A 104 -3.24 -17.01 -8.87
CA GLY A 104 -2.34 -16.17 -9.63
C GLY A 104 -1.21 -16.97 -10.24
N HIS A 105 -0.80 -16.60 -11.45
CA HIS A 105 0.37 -17.19 -12.10
C HIS A 105 1.31 -16.08 -12.55
N ASP A 106 2.62 -16.31 -12.44
CA ASP A 106 3.63 -15.41 -13.01
C ASP A 106 3.48 -14.05 -12.32
N TRP A 107 3.37 -12.93 -13.05
CA TRP A 107 3.13 -11.65 -12.39
C TRP A 107 1.80 -11.64 -11.65
N GLY A 108 0.81 -12.35 -12.19
CA GLY A 108 -0.44 -12.51 -11.47
C GLY A 108 -0.25 -13.14 -10.10
N ALA A 109 0.72 -14.04 -9.96
CA ALA A 109 0.97 -14.62 -8.64
C ALA A 109 1.60 -13.59 -7.72
N THR A 110 2.64 -12.91 -8.18
CA THR A 110 3.30 -11.88 -7.37
C THR A 110 2.30 -10.84 -6.91
N HIS A 111 1.46 -10.35 -7.82
CA HIS A 111 0.47 -9.37 -7.43
C HIS A 111 -0.64 -9.97 -6.57
N ALA A 112 -1.02 -11.24 -6.80
CA ALA A 112 -1.97 -11.89 -5.91
C ALA A 112 -1.41 -12.01 -4.50
N TRP A 113 -0.15 -12.43 -4.37
CA TRP A 113 0.50 -12.44 -3.06
C TRP A 113 0.35 -11.10 -2.36
N ASN A 114 0.70 -10.01 -3.07
CA ASN A 114 0.65 -8.67 -2.47
C ASN A 114 -0.77 -8.30 -2.10
N ALA A 115 -1.75 -8.69 -2.95
CA ALA A 115 -3.14 -8.37 -2.65
C ALA A 115 -3.62 -9.10 -1.40
N ALA A 116 -3.21 -10.36 -1.23
CA ALA A 116 -3.54 -11.09 -0.01
C ALA A 116 -3.02 -10.37 1.22
N LEU A 117 -1.82 -9.81 1.12
CA LEU A 117 -1.23 -9.04 2.23
C LEU A 117 -2.05 -7.81 2.54
N MET A 118 -2.47 -7.08 1.51
CA MET A 118 -3.12 -5.79 1.71
C MET A 118 -4.54 -5.93 2.24
N ARG A 119 -5.31 -6.89 1.74
CA ARG A 119 -6.73 -6.97 2.10
C ARG A 119 -7.14 -8.41 2.43
N PRO A 120 -6.65 -8.95 3.56
CA PRO A 120 -7.11 -10.30 3.97
C PRO A 120 -8.59 -10.35 4.26
N ASP A 121 -9.23 -9.20 4.51
CA ASP A 121 -10.67 -9.17 4.72
C ASP A 121 -11.45 -9.47 3.44
N ARG A 122 -10.85 -9.25 2.26
CA ARG A 122 -11.51 -9.52 1.00
C ARG A 122 -10.91 -10.69 0.23
N PHE A 123 -9.64 -11.02 0.45
CA PHE A 123 -9.00 -12.16 -0.24
C PHE A 123 -8.69 -13.24 0.81
N LYS A 124 -9.51 -14.28 0.82
CA LYS A 124 -9.52 -15.21 1.94
C LYS A 124 -8.50 -16.34 1.81
N ALA A 125 -8.01 -16.60 0.60
CA ALA A 125 -6.98 -17.61 0.39
C ALA A 125 -6.25 -17.31 -0.90
N VAL A 126 -5.06 -17.87 -1.05
CA VAL A 126 -4.15 -17.61 -2.15
C VAL A 126 -3.70 -18.92 -2.76
N PHE A 127 -4.00 -19.20 -4.01
CA PHE A 127 -3.50 -20.38 -4.76
C PHE A 127 -2.51 -19.83 -5.79
N GLY A 128 -1.22 -19.99 -5.56
CA GLY A 128 -0.20 -19.43 -6.45
C GLY A 128 0.47 -20.44 -7.36
N LEU A 129 0.82 -20.00 -8.56
CA LEU A 129 1.50 -20.85 -9.56
C LEU A 129 2.81 -20.20 -9.96
N SER A 130 3.88 -21.00 -10.01
CA SER A 130 5.23 -20.67 -10.50
C SER A 130 6.05 -19.72 -9.63
N VAL A 131 5.47 -18.64 -9.17
CA VAL A 131 6.19 -17.61 -8.40
C VAL A 131 5.87 -17.74 -6.91
N PRO A 132 6.85 -18.15 -6.10
CA PRO A 132 6.61 -18.25 -4.68
C PRO A 132 6.59 -16.88 -4.00
N PHE A 133 5.90 -16.80 -2.88
CA PHE A 133 5.98 -15.61 -2.06
C PHE A 133 7.26 -15.67 -1.24
N VAL A 134 8.04 -14.60 -1.32
CA VAL A 134 9.13 -14.33 -0.40
C VAL A 134 8.87 -12.96 0.21
N THR A 135 9.05 -12.85 1.52
CA THR A 135 8.91 -11.58 2.22
C THR A 135 9.81 -10.51 1.59
N ARG A 136 9.24 -9.32 1.39
CA ARG A 136 10.05 -8.17 0.99
C ARG A 136 11.19 -7.97 2.00
N GLY A 137 12.39 -7.71 1.51
CA GLY A 137 13.51 -7.61 2.42
C GLY A 137 14.19 -6.25 2.40
N GLU A 138 15.50 -6.25 2.61
CA GLU A 138 16.25 -4.99 2.58
C GLU A 138 16.48 -4.49 1.16
N SER A 139 16.53 -5.41 0.19
CA SER A 139 17.02 -5.11 -1.15
C SER A 139 16.10 -5.69 -2.20
N SER A 140 15.89 -4.95 -3.29
CA SER A 140 15.13 -5.47 -4.41
C SER A 140 15.99 -6.46 -5.21
N VAL A 141 15.31 -7.31 -6.00
CA VAL A 141 16.06 -8.23 -6.86
C VAL A 141 17.02 -7.46 -7.73
N PHE A 142 16.67 -6.22 -8.06
CA PHE A 142 17.42 -5.36 -9.01
C PHE A 142 18.80 -4.97 -8.47
N GLU A 143 18.89 -4.59 -7.19
CA GLU A 143 20.21 -4.22 -6.62
C GLU A 143 20.97 -5.49 -6.27
N ARG A 144 20.30 -6.60 -5.98
CA ARG A 144 21.08 -7.80 -5.69
C ARG A 144 21.80 -8.19 -6.98
N MET A 145 21.11 -8.05 -8.10
CA MET A 145 21.73 -8.43 -9.38
C MET A 145 22.84 -7.47 -9.79
N ARG A 146 22.69 -6.17 -9.47
CA ARG A 146 23.73 -5.18 -9.80
C ARG A 146 24.98 -5.40 -8.97
N GLU A 147 24.81 -5.51 -7.65
CA GLU A 147 25.84 -5.70 -6.65
C GLU A 147 26.67 -6.95 -6.92
N SER A 148 26.04 -7.92 -7.57
CA SER A 148 26.64 -9.23 -7.82
C SER A 148 26.97 -9.43 -9.29
N GLY A 149 26.93 -8.36 -10.08
CA GLY A 149 27.49 -8.38 -11.43
C GLY A 149 26.67 -9.04 -12.51
N ARG A 150 25.34 -9.04 -12.40
CA ARG A 150 24.51 -9.74 -13.37
C ARG A 150 23.75 -8.80 -14.31
N GLN A 151 24.22 -7.55 -14.43
CA GLN A 151 23.48 -6.57 -15.23
C GLN A 151 23.22 -7.05 -16.65
N ASP A 152 24.08 -7.88 -17.24
CA ASP A 152 23.91 -8.37 -18.60
C ASP A 152 23.36 -9.79 -18.65
N ASP A 153 23.04 -10.37 -17.50
CA ASP A 153 22.53 -11.73 -17.43
C ASP A 153 21.06 -11.79 -17.03
N PHE A 154 20.64 -10.95 -16.09
CA PHE A 154 19.28 -10.99 -15.58
C PHE A 154 18.30 -10.51 -16.66
N TYR A 155 17.38 -11.39 -17.05
CA TYR A 155 16.50 -11.10 -18.17
C TYR A 155 15.62 -9.86 -17.93
N MET A 156 15.22 -9.58 -16.68
CA MET A 156 14.31 -8.46 -16.45
C MET A 156 14.88 -7.15 -16.95
N PHE A 157 16.22 -6.97 -16.87
CA PHE A 157 16.83 -5.76 -17.41
C PHE A 157 16.54 -5.60 -18.89
N GLU A 158 16.43 -6.70 -19.61
CA GLU A 158 16.15 -6.64 -21.04
C GLU A 158 14.67 -6.38 -21.30
N GLN A 159 13.78 -7.00 -20.53
CA GLN A 159 12.34 -6.76 -20.72
C GLN A 159 11.96 -5.33 -20.38
N ILE A 160 12.74 -4.67 -19.53
CA ILE A 160 12.47 -3.31 -19.00
C ILE A 160 12.83 -2.28 -20.07
N ARG A 161 13.73 -2.65 -20.96
CA ARG A 161 14.13 -1.73 -22.03
C ARG A 161 12.91 -1.32 -22.86
N PRO A 162 12.79 -0.04 -23.26
CA PRO A 162 11.72 0.42 -24.12
C PRO A 162 11.59 -0.43 -25.40
N ASP A 163 12.70 -0.78 -26.02
CA ASP A 163 12.75 -1.59 -27.26
C ASP A 163 12.27 -3.06 -27.13
N ALA A 164 12.00 -3.57 -25.92
CA ALA A 164 11.40 -4.89 -25.66
C ALA A 164 9.99 -4.96 -26.27
N ASP A 165 9.32 -3.83 -26.46
CA ASP A 165 8.03 -3.77 -27.16
C ASP A 165 8.21 -4.38 -28.56
N GLN A 166 9.28 -4.01 -29.23
CA GLN A 166 9.52 -4.43 -30.63
C GLN A 166 10.05 -5.85 -30.75
N ILE A 167 10.76 -6.33 -29.75
CA ILE A 167 11.36 -7.67 -29.69
C ILE A 167 10.24 -8.71 -29.59
N TRP A 168 9.19 -8.36 -28.86
CA TRP A 168 8.07 -9.27 -28.61
C TRP A 168 6.99 -9.21 -29.68
N ALA A 169 6.92 -8.11 -30.44
CA ALA A 169 5.71 -7.70 -31.16
C ALA A 169 5.14 -8.77 -32.08
N ASP A 170 5.99 -9.56 -32.74
CA ASP A 170 5.50 -10.60 -33.66
C ASP A 170 4.94 -11.74 -32.81
N ALA A 171 3.70 -11.55 -32.36
CA ALA A 171 3.08 -12.50 -31.44
C ALA A 171 2.96 -13.88 -32.06
N ALA A 172 2.71 -13.96 -33.36
CA ALA A 172 2.68 -15.25 -34.04
C ALA A 172 3.98 -16.03 -33.85
N VAL A 173 5.08 -15.34 -33.53
CA VAL A 173 6.36 -15.99 -33.27
C VAL A 173 6.64 -16.10 -31.78
N THR A 174 6.51 -14.98 -31.06
CA THR A 174 6.97 -14.96 -29.67
C THR A 174 6.04 -15.72 -28.72
N ILE A 175 4.75 -15.82 -29.03
CA ILE A 175 3.86 -16.51 -28.11
C ILE A 175 4.08 -18.02 -28.18
N PRO A 176 4.15 -18.66 -29.36
CA PRO A 176 4.63 -20.06 -29.35
C PRO A 176 6.07 -20.16 -28.86
N GLY A 177 6.92 -19.17 -29.15
CA GLY A 177 8.27 -19.18 -28.63
C GLY A 177 8.34 -19.38 -27.13
N ILE A 178 7.61 -18.55 -26.37
CA ILE A 178 7.74 -18.65 -24.92
C ILE A 178 6.99 -19.86 -24.36
N LEU A 179 5.89 -20.27 -25.01
CA LEU A 179 5.21 -21.48 -24.57
C LEU A 179 6.10 -22.70 -24.67
N TYR A 180 7.00 -22.73 -25.66
CA TYR A 180 7.91 -23.86 -25.84
C TYR A 180 9.11 -23.77 -24.92
N TRP A 181 9.88 -22.68 -25.04
CA TRP A 181 11.19 -22.63 -24.40
C TRP A 181 11.10 -22.54 -22.88
N ALA A 182 9.98 -22.07 -22.35
CA ALA A 182 9.82 -22.02 -20.90
C ALA A 182 8.96 -23.15 -20.38
N SER A 183 8.85 -24.24 -21.13
CA SER A 183 8.05 -25.39 -20.74
C SER A 183 8.96 -26.60 -20.55
N GLY A 184 8.36 -27.70 -20.09
CA GLY A 184 9.10 -28.94 -19.87
C GLY A 184 9.42 -29.73 -21.10
N SER A 185 8.90 -29.30 -22.24
CA SER A 185 9.10 -29.98 -23.50
C SER A 185 10.41 -29.59 -24.19
N ALA A 186 10.98 -28.46 -23.84
CA ALA A 186 12.26 -28.05 -24.41
C ALA A 186 13.38 -28.92 -23.83
N PRO A 187 14.39 -29.27 -24.63
CA PRO A 187 15.47 -30.13 -24.11
C PRO A 187 16.17 -29.47 -22.92
N GLU A 188 16.41 -30.28 -21.89
CA GLU A 188 16.99 -29.53 -20.78
C GLU A 188 18.44 -29.21 -21.09
N GLY A 189 18.83 -28.10 -20.48
CA GLY A 189 20.01 -27.38 -20.90
C GLY A 189 19.74 -26.34 -21.96
N GLU A 190 18.59 -26.42 -22.63
CA GLU A 190 18.18 -25.40 -23.57
C GLU A 190 16.97 -24.62 -23.11
N GLN A 191 16.27 -25.07 -22.08
CA GLN A 191 15.13 -24.35 -21.54
C GLN A 191 15.54 -22.97 -21.05
N TRP A 192 14.60 -22.03 -21.11
CA TRP A 192 14.86 -20.66 -20.72
C TRP A 192 15.45 -20.58 -19.31
N SER A 193 16.39 -19.66 -19.11
CA SER A 193 17.07 -19.46 -17.84
C SER A 193 17.05 -17.95 -17.58
N PRO A 194 16.68 -17.48 -16.39
CA PRO A 194 16.63 -16.02 -16.14
C PRO A 194 18.00 -15.37 -16.07
N LEU A 195 19.08 -16.15 -16.06
CA LEU A 195 20.42 -15.58 -15.96
C LEU A 195 21.29 -15.96 -17.15
N ASP A 196 20.71 -16.45 -18.23
CA ASP A 196 21.47 -16.80 -19.42
C ASP A 196 20.96 -15.98 -20.59
N ARG A 197 21.76 -14.99 -21.00
CA ARG A 197 21.55 -14.21 -22.22
C ARG A 197 21.22 -15.12 -23.40
N THR A 198 22.02 -16.17 -23.59
CA THR A 198 21.94 -16.98 -24.80
C THR A 198 20.70 -17.86 -24.86
N ARG A 199 19.89 -17.89 -23.80
CA ARG A 199 18.66 -18.69 -23.75
C ARG A 199 17.49 -17.78 -23.35
N SER A 200 17.13 -16.85 -24.23
CA SER A 200 16.07 -15.89 -23.93
C SER A 200 14.68 -16.54 -24.02
N LEU A 201 13.66 -15.78 -23.61
CA LEU A 201 12.29 -16.31 -23.62
C LEU A 201 11.61 -16.25 -24.99
N TYR A 202 12.15 -15.45 -25.92
CA TYR A 202 11.48 -15.15 -27.18
C TYR A 202 12.19 -15.77 -28.39
N ARG A 203 13.02 -16.79 -28.16
CA ARG A 203 13.48 -17.65 -29.24
C ARG A 203 12.28 -18.27 -29.93
N ALA A 204 12.33 -18.34 -31.26
CA ALA A 204 11.23 -18.96 -31.99
C ALA A 204 11.12 -20.44 -31.61
N ALA A 205 9.91 -20.99 -31.77
CA ALA A 205 9.69 -22.40 -31.49
C ALA A 205 10.22 -23.26 -32.64
N PRO A 206 10.68 -24.48 -32.36
CA PRO A 206 11.02 -25.41 -33.44
C PRO A 206 9.80 -26.18 -33.92
N GLY A 207 9.07 -25.63 -34.88
CA GLY A 207 7.89 -26.29 -35.38
C GLY A 207 6.71 -26.13 -34.44
N PRO A 208 5.68 -26.94 -34.64
CA PRO A 208 4.43 -26.74 -33.89
C PRO A 208 4.58 -27.07 -32.40
N LEU A 209 3.67 -26.52 -31.61
CA LEU A 209 3.81 -26.61 -30.17
C LEU A 209 3.47 -28.01 -29.69
N PRO A 210 4.04 -28.41 -28.56
CA PRO A 210 3.68 -29.71 -27.96
C PRO A 210 2.18 -29.87 -27.83
N SER A 211 1.72 -31.12 -27.82
CA SER A 211 0.30 -31.38 -27.82
C SER A 211 -0.41 -30.76 -26.61
N TRP A 212 0.31 -30.51 -25.50
CA TRP A 212 -0.36 -30.00 -24.29
C TRP A 212 -0.83 -28.55 -24.45
N ALA A 213 -0.25 -27.79 -25.38
CA ALA A 213 -0.65 -26.41 -25.60
C ALA A 213 -1.95 -26.41 -26.41
N GLU A 214 -3.07 -26.19 -25.74
CA GLU A 214 -4.36 -26.28 -26.40
C GLU A 214 -4.47 -25.22 -27.50
N ALA A 215 -4.95 -25.65 -28.67
CA ALA A 215 -4.89 -24.81 -29.86
C ALA A 215 -5.79 -23.58 -29.72
N ASP A 216 -6.97 -23.73 -29.11
CA ASP A 216 -7.82 -22.57 -28.90
C ASP A 216 -7.16 -21.57 -27.97
N TYR A 217 -6.35 -22.04 -27.02
CA TYR A 217 -5.63 -21.13 -26.12
C TYR A 217 -4.55 -20.37 -26.88
N VAL A 218 -3.72 -21.09 -27.63
CA VAL A 218 -2.64 -20.47 -28.41
C VAL A 218 -3.21 -19.45 -29.39
N ALA A 219 -4.28 -19.84 -30.12
CA ALA A 219 -4.84 -18.91 -31.11
C ALA A 219 -5.41 -17.67 -30.45
N HIS A 220 -6.06 -17.82 -29.29
CA HIS A 220 -6.62 -16.66 -28.59
C HIS A 220 -5.53 -15.65 -28.23
N ASN A 221 -4.41 -16.14 -27.70
CA ASN A 221 -3.37 -15.23 -27.23
C ASN A 221 -2.66 -14.54 -28.38
N ILE A 222 -2.33 -15.29 -29.44
CA ILE A 222 -1.75 -14.67 -30.63
C ILE A 222 -2.65 -13.57 -31.15
N ALA A 223 -3.96 -13.85 -31.25
CA ALA A 223 -4.89 -12.85 -31.76
C ALA A 223 -4.90 -11.59 -30.89
N GLU A 224 -4.91 -11.77 -29.56
CA GLU A 224 -4.97 -10.61 -28.67
C GLU A 224 -3.68 -9.79 -28.73
N PHE A 225 -2.53 -10.46 -28.70
CA PHE A 225 -1.28 -9.72 -28.73
C PHE A 225 -0.95 -9.12 -30.09
N ARG A 226 -1.54 -9.62 -31.17
CA ARG A 226 -1.36 -8.97 -32.49
C ARG A 226 -2.07 -7.62 -32.44
N ARG A 227 -3.23 -7.57 -31.81
CA ARG A 227 -4.02 -6.33 -31.67
C ARG A 227 -3.44 -5.40 -30.61
N THR A 228 -2.90 -5.93 -29.54
CA THR A 228 -2.48 -5.01 -28.47
C THR A 228 -1.01 -4.66 -28.48
N GLY A 229 -0.13 -5.57 -28.90
CA GLY A 229 1.29 -5.49 -28.59
C GLY A 229 1.57 -5.88 -27.13
N PHE A 230 2.83 -5.76 -26.76
CA PHE A 230 3.30 -6.19 -25.44
C PHE A 230 3.71 -5.05 -24.53
N HIS A 231 3.40 -3.80 -24.88
CA HIS A 231 3.87 -2.69 -24.05
C HIS A 231 3.28 -2.76 -22.64
N GLY A 232 1.97 -3.00 -22.53
CA GLY A 232 1.35 -3.04 -21.21
C GLY A 232 1.92 -4.14 -20.34
N GLY A 233 2.05 -5.34 -20.89
CA GLY A 233 2.60 -6.42 -20.10
C GLY A 233 3.99 -6.13 -19.59
N LEU A 234 4.88 -5.68 -20.49
CA LEU A 234 6.26 -5.38 -20.12
C LEU A 234 6.34 -4.29 -19.06
N ASN A 235 5.32 -3.44 -18.95
CA ASN A 235 5.28 -2.43 -17.89
C ASN A 235 5.26 -3.06 -16.50
N TYR A 236 4.83 -4.32 -16.38
CA TYR A 236 4.92 -4.99 -15.08
C TYR A 236 6.36 -5.14 -14.62
N TYR A 237 7.28 -5.43 -15.55
CA TYR A 237 8.68 -5.42 -15.15
C TYR A 237 9.17 -4.00 -14.89
N ARG A 238 8.83 -3.07 -15.78
CA ARG A 238 9.27 -1.67 -15.64
C ARG A 238 8.80 -1.04 -14.34
N ALA A 239 7.83 -1.66 -13.66
CA ALA A 239 7.27 -1.11 -12.44
C ALA A 239 7.88 -1.73 -11.18
N ALA A 240 8.46 -2.92 -11.28
CA ALA A 240 8.87 -3.63 -10.07
C ALA A 240 9.88 -2.83 -9.26
N GLU A 241 10.90 -2.25 -9.91
CA GLU A 241 11.91 -1.55 -9.13
C GLU A 241 11.34 -0.29 -8.47
N PRO A 242 10.68 0.63 -9.18
CA PRO A 242 10.06 1.76 -8.45
C PRO A 242 9.10 1.29 -7.37
N TYR A 243 8.35 0.21 -7.63
CA TYR A 243 7.45 -0.28 -6.60
C TYR A 243 8.18 -0.67 -5.34
N PHE A 244 9.48 -0.95 -5.41
CA PHE A 244 10.20 -1.36 -4.20
C PHE A 244 10.18 -0.25 -3.15
N THR A 245 10.28 1.01 -3.57
CA THR A 245 10.17 2.13 -2.66
C THR A 245 8.79 2.19 -2.01
N LEU A 246 7.73 1.91 -2.78
CA LEU A 246 6.37 2.00 -2.27
C LEU A 246 5.98 0.83 -1.38
N SER A 247 6.74 -0.27 -1.42
CA SER A 247 6.37 -1.49 -0.71
C SER A 247 7.04 -1.60 0.65
N ALA A 248 7.78 -0.57 1.06
CA ALA A 248 8.42 -0.61 2.37
C ALA A 248 7.47 -0.83 3.55
N PRO A 249 6.18 -0.46 3.51
CA PRO A 249 5.29 -0.89 4.60
C PRO A 249 5.36 -2.39 4.91
N TRP A 250 5.53 -3.24 3.89
CA TRP A 250 5.34 -4.68 4.08
C TRP A 250 6.63 -5.43 4.30
N LYS A 251 7.68 -4.74 4.80
CA LYS A 251 9.02 -5.30 4.86
C LYS A 251 9.07 -6.66 5.57
N GLY A 252 8.44 -6.79 6.72
CA GLY A 252 8.49 -8.13 7.26
C GLY A 252 7.26 -8.99 7.02
N ALA A 253 6.34 -8.56 6.17
CA ALA A 253 4.96 -9.02 6.27
C ALA A 253 4.81 -10.47 5.80
N LYS A 254 4.07 -11.26 6.58
CA LYS A 254 3.68 -12.61 6.20
C LYS A 254 2.20 -12.67 5.81
N ILE A 255 1.90 -13.62 4.93
CA ILE A 255 0.54 -13.90 4.48
C ILE A 255 0.00 -15.03 5.35
N THR A 256 -1.03 -14.73 6.15
CA THR A 256 -1.55 -15.70 7.10
C THR A 256 -2.71 -16.54 6.57
N GLN A 257 -3.46 -16.05 5.56
CA GLN A 257 -4.58 -16.82 5.00
C GLN A 257 -4.13 -18.20 4.55
N PRO A 258 -5.04 -19.16 4.45
CA PRO A 258 -4.67 -20.44 3.82
C PRO A 258 -4.11 -20.21 2.43
N SER A 259 -3.07 -20.96 2.09
CA SER A 259 -2.31 -20.76 0.87
C SER A 259 -1.89 -22.11 0.30
N PHE A 260 -1.70 -22.17 -1.01
CA PHE A 260 -1.20 -23.35 -1.71
C PHE A 260 -0.24 -22.88 -2.81
N PHE A 261 0.79 -23.68 -3.08
CA PHE A 261 1.77 -23.34 -4.12
C PHE A 261 2.06 -24.53 -5.02
N ILE A 262 2.03 -24.31 -6.34
CA ILE A 262 2.43 -25.31 -7.35
C ILE A 262 3.44 -24.67 -8.29
N TRP A 263 4.50 -25.42 -8.63
CA TRP A 263 5.36 -24.99 -9.72
C TRP A 263 5.97 -26.22 -10.38
N GLY A 264 6.64 -25.98 -11.51
CA GLY A 264 7.23 -27.05 -12.30
C GLY A 264 8.74 -27.18 -12.07
N LYS A 265 9.21 -28.42 -11.94
CA LYS A 265 10.62 -28.67 -11.68
C LYS A 265 11.52 -28.11 -12.79
N SER A 266 11.01 -28.05 -14.03
CA SER A 266 11.86 -27.62 -15.13
C SER A 266 11.70 -26.14 -15.44
N ASP A 267 11.04 -25.39 -14.57
CA ASP A 267 10.87 -23.95 -14.74
C ASP A 267 12.19 -23.26 -14.40
N GLY A 268 12.76 -22.54 -15.37
CA GLY A 268 14.01 -21.84 -15.13
C GLY A 268 13.95 -20.93 -13.91
N LEU A 269 12.74 -20.47 -13.57
CA LEU A 269 12.55 -19.58 -12.43
C LEU A 269 12.93 -20.23 -11.10
N LYS A 270 13.01 -21.57 -11.05
CA LYS A 270 13.51 -22.22 -9.84
C LYS A 270 14.83 -21.61 -9.39
N GLU A 271 15.69 -21.26 -10.34
CA GLU A 271 17.01 -20.71 -10.04
C GLU A 271 16.96 -19.51 -9.10
N LEU A 272 15.85 -18.75 -9.14
CA LEU A 272 15.76 -17.52 -8.37
C LEU A 272 15.23 -17.74 -6.96
N TYR A 273 14.75 -18.94 -6.64
CA TYR A 273 14.12 -19.23 -5.36
C TYR A 273 14.61 -20.57 -4.82
N PRO A 274 15.84 -20.61 -4.26
CA PRO A 274 16.48 -21.89 -3.94
C PRO A 274 16.01 -22.48 -2.62
N PHE A 275 14.88 -21.97 -2.16
CA PHE A 275 14.33 -22.46 -0.89
C PHE A 275 13.52 -23.70 -1.17
N THR A 276 13.33 -24.42 -0.09
CA THR A 276 12.53 -25.63 -0.12
C THR A 276 11.08 -25.23 0.15
N LEU A 277 10.16 -26.09 -0.24
CA LEU A 277 8.77 -25.65 -0.05
C LEU A 277 8.43 -25.72 1.44
N GLN A 278 9.05 -26.50 2.31
CA GLN A 278 9.03 -26.43 3.79
C GLN A 278 9.37 -25.01 4.26
N GLN A 279 10.39 -24.43 3.66
CA GLN A 279 10.95 -23.10 3.99
C GLN A 279 10.03 -21.95 3.58
N MET A 280 9.09 -22.19 2.67
CA MET A 280 8.10 -21.21 2.18
C MET A 280 7.01 -20.93 3.23
N ARG A 281 6.90 -21.81 4.23
CA ARG A 281 6.02 -21.68 5.42
C ARG A 281 6.40 -20.43 6.20
N ALA A 282 7.66 -20.03 6.18
CA ALA A 282 8.08 -18.81 6.88
C ALA A 282 7.23 -17.61 6.42
N GLY A 283 7.26 -17.30 5.14
CA GLY A 283 6.45 -16.19 4.63
C GLY A 283 5.00 -16.56 4.44
N LEU A 284 4.72 -17.84 4.32
CA LEU A 284 3.32 -18.31 4.16
C LEU A 284 2.99 -19.25 5.32
N PRO A 285 2.78 -18.79 6.56
CA PRO A 285 2.44 -19.68 7.68
C PRO A 285 1.16 -20.51 7.54
N GLY A 286 0.21 -20.08 6.70
CA GLY A 286 -1.01 -20.84 6.42
C GLY A 286 -0.88 -21.68 5.16
N LEU A 287 0.34 -21.99 4.75
CA LEU A 287 0.53 -22.84 3.56
C LEU A 287 0.11 -24.26 3.92
N MET A 288 -0.83 -24.77 3.15
CA MET A 288 -1.36 -26.10 3.40
C MET A 288 -0.79 -27.14 2.47
N GLY A 289 0.10 -26.75 1.55
CA GLY A 289 0.67 -27.73 0.66
C GLY A 289 1.44 -27.09 -0.47
N GLY A 290 2.50 -27.76 -0.90
CA GLY A 290 3.23 -27.33 -2.07
C GLY A 290 3.56 -28.53 -2.94
N LEU A 291 3.35 -28.39 -4.25
CA LEU A 291 3.55 -29.45 -5.23
C LEU A 291 4.56 -29.00 -6.27
N GLU A 292 5.64 -29.76 -6.41
CA GLU A 292 6.61 -29.58 -7.51
C GLU A 292 6.37 -30.65 -8.56
N LEU A 293 6.14 -30.24 -9.81
CA LEU A 293 5.73 -31.15 -10.86
C LEU A 293 6.91 -31.50 -11.75
N ASP A 294 7.17 -32.81 -11.93
CA ASP A 294 8.26 -33.28 -12.78
C ASP A 294 7.97 -32.99 -14.24
N ASN A 295 9.03 -32.60 -14.96
CA ASN A 295 8.99 -32.43 -16.42
C ASN A 295 7.93 -31.43 -16.85
N VAL A 296 7.52 -30.55 -15.94
CA VAL A 296 6.64 -29.43 -16.21
C VAL A 296 7.46 -28.15 -16.05
N GLY A 297 7.25 -27.20 -16.96
CA GLY A 297 7.94 -25.93 -16.88
C GLY A 297 7.15 -24.82 -16.23
N HIS A 298 7.11 -23.67 -16.90
CA HIS A 298 6.48 -22.46 -16.36
C HIS A 298 4.97 -22.47 -16.55
N TRP A 299 4.49 -23.10 -17.61
CA TRP A 299 3.07 -22.99 -17.95
C TRP A 299 2.26 -24.11 -17.30
N VAL A 300 2.33 -24.21 -15.95
CA VAL A 300 1.75 -25.36 -15.25
C VAL A 300 0.26 -25.52 -15.56
N GLN A 301 -0.48 -24.42 -15.66
CA GLN A 301 -1.92 -24.55 -15.90
C GLN A 301 -2.24 -25.10 -17.29
N HIS A 302 -1.24 -25.18 -18.17
CA HIS A 302 -1.38 -25.82 -19.46
C HIS A 302 -0.63 -27.13 -19.56
N GLU A 303 0.63 -27.15 -19.12
CA GLU A 303 1.40 -28.39 -19.17
C GLU A 303 0.78 -29.46 -18.29
N ALA A 304 0.19 -29.07 -17.16
CA ALA A 304 -0.44 -29.99 -16.23
C ALA A 304 -1.83 -29.48 -15.87
N SER A 305 -2.65 -29.26 -16.90
CA SER A 305 -3.96 -28.65 -16.72
C SER A 305 -4.85 -29.46 -15.77
N ALA A 306 -4.89 -30.80 -15.93
CA ALA A 306 -5.76 -31.63 -15.10
C ALA A 306 -5.29 -31.66 -13.66
N GLU A 307 -3.97 -31.65 -13.43
CA GLU A 307 -3.37 -31.66 -12.07
C GLU A 307 -3.64 -30.34 -11.34
N VAL A 308 -3.44 -29.20 -12.00
CA VAL A 308 -3.67 -27.85 -11.43
C VAL A 308 -5.15 -27.71 -11.07
N SER A 309 -6.02 -28.15 -11.98
CA SER A 309 -7.48 -28.11 -11.80
C SER A 309 -7.90 -28.96 -10.60
N GLU A 310 -7.36 -30.16 -10.47
CA GLU A 310 -7.75 -31.06 -9.36
C GLU A 310 -7.23 -30.57 -8.00
N GLN A 311 -6.05 -29.97 -7.95
CA GLN A 311 -5.48 -29.37 -6.73
C GLN A 311 -6.26 -28.11 -6.31
N LEU A 312 -6.75 -27.33 -7.27
CA LEU A 312 -7.50 -26.11 -6.99
C LEU A 312 -8.89 -26.50 -6.49
N VAL A 313 -9.53 -27.53 -7.06
CA VAL A 313 -10.82 -27.96 -6.52
C VAL A 313 -10.66 -28.42 -5.07
N ARG A 314 -9.67 -29.28 -4.84
CA ARG A 314 -9.38 -29.76 -3.48
C ARG A 314 -9.07 -28.59 -2.54
N PHE A 315 -8.21 -27.67 -2.96
CA PHE A 315 -7.86 -26.54 -2.10
C PHE A 315 -9.08 -25.71 -1.75
N LEU A 316 -9.93 -25.40 -2.74
CA LEU A 316 -11.12 -24.61 -2.47
C LEU A 316 -12.05 -25.31 -1.50
N ARG A 317 -12.16 -26.64 -1.61
CA ARG A 317 -13.02 -27.40 -0.68
C ARG A 317 -12.44 -27.41 0.72
N THR A 318 -11.13 -27.38 0.82
CA THR A 318 -10.55 -27.37 2.18
C THR A 318 -10.72 -25.98 2.79
N VAL A 319 -10.56 -24.93 2.00
CA VAL A 319 -10.70 -23.52 2.46
C VAL A 319 -12.15 -23.28 2.86
N ASP A 320 -13.10 -23.87 2.13
CA ASP A 320 -14.53 -23.68 2.46
C ASP A 320 -14.91 -24.24 3.83
N ALA A 321 -14.52 -25.49 4.12
CA ALA A 321 -14.88 -26.23 5.35
C ALA A 321 -14.28 -25.66 6.64
N VAL A 322 -13.19 -24.91 6.51
CA VAL A 322 -12.47 -24.23 7.63
C VAL A 322 -13.24 -22.98 8.05
N GLY B 7 13.21 8.86 33.31
CA GLY B 7 12.76 10.21 32.92
C GLY B 7 13.90 10.95 32.26
N GLY B 8 13.60 11.93 31.40
CA GLY B 8 14.63 12.65 30.63
C GLY B 8 14.57 12.19 29.18
N VAL B 9 14.60 13.12 28.24
CA VAL B 9 14.47 12.81 26.79
C VAL B 9 15.84 12.58 26.17
N LYS B 10 15.95 11.57 25.31
CA LYS B 10 17.18 11.31 24.55
C LYS B 10 16.95 11.47 23.05
N GLU B 11 17.96 11.94 22.35
CA GLU B 11 17.84 12.15 20.92
C GLU B 11 18.90 11.35 20.20
N TYR B 12 18.57 10.85 19.00
CA TYR B 12 19.53 10.20 18.12
C TYR B 12 19.01 10.29 16.69
N ASP B 13 19.77 9.72 15.77
CA ASP B 13 19.34 9.65 14.38
C ASP B 13 19.38 8.20 13.90
N ILE B 14 18.39 7.82 13.14
CA ILE B 14 18.26 6.47 12.62
C ILE B 14 18.24 6.55 11.10
N ALA B 15 18.98 5.65 10.45
CA ALA B 15 18.89 5.48 9.00
C ALA B 15 17.85 4.41 8.74
N THR B 16 16.73 4.81 8.15
CA THR B 16 15.65 3.88 7.84
C THR B 16 15.05 4.23 6.48
N ASN B 17 14.63 3.21 5.73
CA ASN B 17 13.81 3.36 4.53
C ASN B 17 14.41 4.38 3.57
N GLY B 18 15.74 4.40 3.47
CA GLY B 18 16.40 5.27 2.52
C GLY B 18 16.57 6.70 2.97
N ILE B 19 16.13 7.04 4.18
CA ILE B 19 16.23 8.40 4.70
C ILE B 19 16.89 8.34 6.08
N SER B 20 17.17 9.51 6.63
CA SER B 20 17.61 9.61 8.02
C SER B 20 16.50 10.22 8.86
N LEU B 21 16.21 9.56 9.97
CA LEU B 21 15.08 9.89 10.83
C LEU B 21 15.61 10.36 12.18
N HIS B 22 15.25 11.58 12.57
CA HIS B 22 15.62 12.09 13.88
C HIS B 22 14.58 11.67 14.91
N VAL B 23 15.02 10.99 15.97
CA VAL B 23 14.16 10.36 16.96
C VAL B 23 14.43 10.96 18.33
N THR B 24 13.36 11.23 19.07
CA THR B 24 13.41 11.52 20.49
C THR B 24 12.62 10.45 21.23
N GLU B 25 13.05 10.12 22.44
CA GLU B 25 12.34 9.11 23.20
C GLU B 25 12.61 9.29 24.69
N GLN B 26 11.76 8.64 25.48
CA GLN B 26 11.71 8.75 26.93
C GLN B 26 10.92 7.57 27.45
N GLY B 27 11.39 6.97 28.55
CA GLY B 27 10.66 5.92 29.22
C GLY B 27 11.03 4.51 28.76
N ALA B 28 10.28 3.55 29.33
CA ALA B 28 10.51 2.13 29.14
C ALA B 28 9.20 1.39 29.38
N GLY B 29 9.06 0.24 28.74
CA GLY B 29 7.80 -0.47 28.69
C GLY B 29 7.29 -0.53 27.28
N PRO B 30 6.01 -0.86 27.09
CA PRO B 30 5.45 -0.95 25.73
C PRO B 30 5.68 0.33 24.92
N ALA B 31 5.82 0.16 23.60
CA ALA B 31 6.19 1.25 22.72
C ALA B 31 4.97 2.03 22.26
N VAL B 32 5.13 3.35 22.20
CA VAL B 32 4.09 4.27 21.72
C VAL B 32 4.76 5.23 20.73
N LEU B 33 4.38 5.13 19.49
CA LEU B 33 4.95 5.92 18.38
C LEU B 33 4.08 7.15 18.11
N PHE B 34 4.66 8.33 18.30
CA PHE B 34 3.98 9.64 18.11
C PHE B 34 4.30 10.23 16.75
N CYS B 35 3.27 10.62 16.03
CA CYS B 35 3.50 11.22 14.69
C CYS B 35 2.78 12.56 14.54
N HIS B 36 3.61 13.61 14.44
CA HIS B 36 3.12 15.00 14.30
C HIS B 36 2.70 15.31 12.87
N GLY B 37 2.08 16.47 12.65
CA GLY B 37 1.62 16.94 11.33
C GLY B 37 2.22 18.27 10.92
N PHE B 38 1.46 19.07 10.19
CA PHE B 38 1.92 20.39 9.69
C PHE B 38 1.45 21.57 10.57
N PRO B 39 2.28 22.60 10.78
CA PRO B 39 3.74 22.48 10.67
C PRO B 39 4.33 22.30 12.08
N ASP B 40 4.63 21.07 12.42
CA ASP B 40 5.05 20.73 13.80
C ASP B 40 6.31 19.86 13.77
N THR B 41 6.81 19.49 14.95
CA THR B 41 8.00 18.67 15.10
C THR B 41 7.75 17.66 16.21
N SER B 42 8.78 16.86 16.50
CA SER B 42 8.69 15.92 17.61
C SER B 42 8.43 16.65 18.93
N TYR B 43 8.93 17.87 19.07
CA TYR B 43 8.81 18.60 20.33
C TYR B 43 7.35 18.83 20.73
N THR B 44 6.43 18.71 19.79
CA THR B 44 5.01 18.90 20.07
C THR B 44 4.49 17.91 21.11
N TRP B 45 5.18 16.78 21.34
CA TRP B 45 4.71 15.70 22.19
C TRP B 45 5.38 15.60 23.56
N ARG B 46 6.30 16.51 23.90
CA ARG B 46 7.07 16.38 25.13
C ARG B 46 6.20 16.11 26.36
N ARG B 47 5.08 16.83 26.50
CA ARG B 47 4.25 16.66 27.68
C ARG B 47 3.65 15.26 27.74
N GLN B 48 3.06 14.80 26.61
CA GLN B 48 2.50 13.44 26.56
C GLN B 48 3.58 12.38 26.69
N MET B 49 4.74 12.60 26.09
CA MET B 49 5.85 11.66 26.25
C MET B 49 6.21 11.50 27.72
N ASN B 50 6.35 12.62 28.44
CA ASN B 50 6.72 12.55 29.85
C ASN B 50 5.63 11.88 30.69
N ALA B 51 4.37 12.20 30.39
CA ALA B 51 3.24 11.58 31.10
C ALA B 51 3.22 10.06 30.93
N ILE B 52 3.35 9.56 29.70
CA ILE B 52 3.23 8.11 29.52
C ILE B 52 4.51 7.41 29.94
N ALA B 53 5.66 8.08 29.88
CA ALA B 53 6.90 7.50 30.39
C ALA B 53 6.80 7.25 31.91
N SER B 54 6.15 8.16 32.63
CA SER B 54 5.98 7.91 34.07
C SER B 54 4.85 6.94 34.37
N ALA B 55 4.08 6.52 33.37
CA ALA B 55 3.09 5.46 33.53
C ALA B 55 3.61 4.10 33.08
N GLY B 56 4.90 4.02 32.72
CA GLY B 56 5.49 2.74 32.34
C GLY B 56 5.45 2.41 30.87
N TYR B 57 5.60 3.40 29.98
CA TYR B 57 5.59 3.17 28.55
C TYR B 57 6.81 3.81 27.92
N ARG B 58 7.17 3.30 26.76
CA ARG B 58 8.29 3.84 25.99
C ARG B 58 7.73 4.80 24.94
N ALA B 59 7.91 6.11 25.17
CA ALA B 59 7.45 7.11 24.21
C ALA B 59 8.51 7.35 23.15
N ILE B 60 8.14 7.19 21.88
CA ILE B 60 9.07 7.38 20.76
C ILE B 60 8.45 8.37 19.80
N ALA B 61 9.12 9.50 19.58
CA ALA B 61 8.56 10.58 18.76
C ALA B 61 9.62 11.09 17.81
N PRO B 62 9.59 10.68 16.55
CA PRO B 62 10.49 11.27 15.57
C PRO B 62 9.96 12.58 15.02
N ASP B 63 10.88 13.36 14.46
CA ASP B 63 10.49 14.30 13.43
C ASP B 63 10.08 13.50 12.20
N MET B 64 8.86 13.70 11.72
CA MET B 64 8.47 12.98 10.52
C MET B 64 9.28 13.49 9.33
N ARG B 65 9.37 12.68 8.28
CA ARG B 65 10.10 13.12 7.09
C ARG B 65 9.52 14.43 6.59
N GLY B 66 10.40 15.32 6.15
CA GLY B 66 10.04 16.67 5.77
C GLY B 66 10.31 17.71 6.83
N TYR B 67 10.68 17.29 8.04
CA TYR B 67 10.66 18.18 9.19
C TYR B 67 11.91 18.03 10.03
N GLY B 68 12.27 19.11 10.73
CA GLY B 68 13.18 18.99 11.86
C GLY B 68 14.59 18.58 11.43
N ARG B 69 15.14 17.60 12.14
CA ARG B 69 16.45 17.05 11.81
C ARG B 69 16.34 15.74 11.02
N SER B 70 15.15 15.44 10.50
CA SER B 70 14.95 14.33 9.58
C SER B 70 15.11 14.78 8.14
N SER B 71 15.38 13.80 7.27
CA SER B 71 15.46 14.04 5.84
C SER B 71 14.18 14.70 5.33
N ALA B 72 14.37 15.64 4.40
CA ALA B 72 13.27 16.36 3.77
C ALA B 72 13.53 16.38 2.26
N PRO B 73 13.29 15.25 1.58
CA PRO B 73 13.51 15.23 0.12
C PRO B 73 12.64 16.25 -0.61
N ALA B 74 13.22 16.86 -1.65
CA ALA B 74 12.51 17.88 -2.41
C ALA B 74 11.22 17.35 -3.00
N ASP B 75 11.19 16.05 -3.35
CA ASP B 75 10.19 15.48 -4.24
C ASP B 75 8.90 15.16 -3.48
N ALA B 76 7.81 15.85 -3.84
CA ALA B 76 6.54 15.67 -3.12
C ALA B 76 5.96 14.26 -3.25
N SER B 77 6.34 13.51 -4.27
CA SER B 77 5.81 12.15 -4.43
C SER B 77 6.28 11.20 -3.34
N LEU B 78 7.19 11.63 -2.48
CA LEU B 78 7.80 10.79 -1.47
C LEU B 78 7.11 10.93 -0.12
N TYR B 79 5.97 11.63 -0.06
CA TYR B 79 5.33 11.98 1.20
C TYR B 79 3.92 11.40 1.32
N THR B 80 3.67 10.27 0.64
CA THR B 80 2.46 9.49 0.81
C THR B 80 2.54 8.63 2.07
N PRO B 81 1.39 8.14 2.56
CA PRO B 81 1.43 7.25 3.73
C PRO B 81 2.21 5.97 3.50
N LEU B 82 2.48 5.62 2.24
CA LEU B 82 3.32 4.44 1.98
C LEU B 82 4.76 4.69 2.40
N HIS B 83 5.22 5.93 2.21
CA HIS B 83 6.59 6.28 2.59
C HIS B 83 6.74 6.39 4.10
N THR B 84 5.79 7.07 4.77
CA THR B 84 5.96 7.28 6.19
C THR B 84 5.68 6.01 6.98
N THR B 85 4.74 5.17 6.51
CA THR B 85 4.57 3.87 7.14
C THR B 85 5.82 3.00 6.97
N GLY B 86 6.47 3.10 5.82
CA GLY B 86 7.75 2.42 5.65
C GLY B 86 8.81 2.95 6.59
N ASP B 87 8.79 4.27 6.83
CA ASP B 87 9.67 4.85 7.84
C ASP B 87 9.38 4.27 9.22
N LEU B 88 8.11 4.18 9.60
CA LEU B 88 7.75 3.71 10.94
C LEU B 88 8.02 2.22 11.11
N ILE B 89 7.88 1.44 10.03
CA ILE B 89 8.25 0.03 10.10
C ILE B 89 9.77 -0.11 10.26
N GLY B 90 10.53 0.61 9.43
CA GLY B 90 11.97 0.50 9.50
C GLY B 90 12.52 1.01 10.82
N LEU B 91 11.82 1.97 11.44
CA LEU B 91 12.21 2.44 12.77
C LEU B 91 11.97 1.38 13.82
N LEU B 92 10.75 0.81 13.86
CA LEU B 92 10.49 -0.30 14.78
C LEU B 92 11.48 -1.44 14.56
N ASP B 93 11.83 -1.70 13.30
CA ASP B 93 12.79 -2.75 13.00
C ASP B 93 14.15 -2.40 13.61
N ALA B 94 14.59 -1.15 13.39
CA ALA B 94 15.89 -0.71 13.84
C ALA B 94 15.99 -0.67 15.36
N LEU B 95 14.88 -0.46 16.06
CA LEU B 95 14.88 -0.49 17.51
C LEU B 95 14.59 -1.87 18.07
N LYS B 96 14.38 -2.85 17.22
CA LYS B 96 14.03 -4.23 17.65
C LYS B 96 12.74 -4.19 18.48
N ILE B 97 11.76 -3.39 18.08
CA ILE B 97 10.45 -3.35 18.72
C ILE B 97 9.49 -4.16 17.88
N SER B 98 8.80 -5.11 18.52
CA SER B 98 7.88 -5.93 17.76
C SER B 98 6.64 -5.14 17.37
N SER B 99 6.04 -4.39 18.30
CA SER B 99 4.80 -3.69 18.00
C SER B 99 4.74 -2.41 18.81
N ALA B 100 3.92 -1.48 18.34
CA ALA B 100 3.74 -0.18 18.97
C ALA B 100 2.31 0.31 18.79
N VAL B 101 1.85 1.09 19.75
CA VAL B 101 0.62 1.87 19.65
C VAL B 101 0.96 3.17 18.93
N LEU B 102 0.08 3.62 18.03
CA LEU B 102 0.28 4.81 17.22
C LEU B 102 -0.48 6.00 17.80
N VAL B 103 0.18 7.16 17.82
CA VAL B 103 -0.43 8.46 18.22
C VAL B 103 -0.15 9.44 17.09
N GLY B 104 -1.20 10.02 16.52
CA GLY B 104 -1.03 10.97 15.42
C GLY B 104 -1.90 12.21 15.56
N HIS B 105 -1.41 13.29 15.01
CA HIS B 105 -2.11 14.58 14.98
C HIS B 105 -1.92 15.21 13.61
N ASP B 106 -2.95 15.82 13.06
CA ASP B 106 -2.89 16.50 11.74
C ASP B 106 -2.59 15.45 10.65
N TRP B 107 -1.57 15.65 9.81
CA TRP B 107 -1.16 14.67 8.77
C TRP B 107 -0.68 13.38 9.44
N GLY B 108 -0.07 13.48 10.61
CA GLY B 108 0.33 12.31 11.40
C GLY B 108 -0.84 11.42 11.70
N ALA B 109 -2.01 12.00 11.97
CA ALA B 109 -3.22 11.21 12.23
C ALA B 109 -3.66 10.48 10.94
N THR B 110 -3.67 11.17 9.82
CA THR B 110 -4.02 10.57 8.52
C THR B 110 -3.05 9.44 8.19
N HIS B 111 -1.76 9.76 8.22
CA HIS B 111 -0.71 8.75 7.94
C HIS B 111 -0.82 7.59 8.95
N ALA B 112 -1.11 7.89 10.22
CA ALA B 112 -1.24 6.84 11.23
C ALA B 112 -2.44 5.95 10.96
N TRP B 113 -3.60 6.53 10.64
CA TRP B 113 -4.74 5.71 10.23
C TRP B 113 -4.32 4.73 9.14
N ASN B 114 -3.59 5.21 8.14
CA ASN B 114 -3.15 4.34 7.03
C ASN B 114 -2.21 3.25 7.52
N ALA B 115 -1.22 3.64 8.33
CA ALA B 115 -0.30 2.69 8.90
C ALA B 115 -1.03 1.56 9.61
N ALA B 116 -2.04 1.91 10.41
CA ALA B 116 -2.81 0.89 11.12
C ALA B 116 -3.51 -0.06 10.16
N LEU B 117 -4.03 0.46 9.04
CA LEU B 117 -4.64 -0.39 8.01
C LEU B 117 -3.60 -1.35 7.45
N MET B 118 -2.41 -0.84 7.14
CA MET B 118 -1.43 -1.57 6.36
C MET B 118 -0.76 -2.68 7.16
N ARG B 119 -0.50 -2.45 8.45
CA ARG B 119 0.30 -3.37 9.26
C ARG B 119 -0.27 -3.47 10.67
N PRO B 120 -1.49 -4.02 10.81
CA PRO B 120 -2.01 -4.28 12.16
C PRO B 120 -1.20 -5.28 12.94
N ASP B 121 -0.40 -6.11 12.28
CA ASP B 121 0.51 -7.00 12.99
C ASP B 121 1.55 -6.21 13.79
N ARG B 122 1.92 -5.02 13.33
CA ARG B 122 2.93 -4.19 14.01
C ARG B 122 2.32 -3.03 14.80
N PHE B 123 1.27 -2.42 14.31
CA PHE B 123 0.65 -1.27 14.95
C PHE B 123 -0.64 -1.77 15.58
N LYS B 124 -0.60 -1.94 16.91
CA LYS B 124 -1.67 -2.66 17.59
C LYS B 124 -2.80 -1.75 18.06
N ALA B 125 -2.67 -0.43 17.93
CA ALA B 125 -3.73 0.51 18.31
C ALA B 125 -3.37 1.88 17.77
N VAL B 126 -4.38 2.74 17.64
CA VAL B 126 -4.23 4.07 17.05
C VAL B 126 -4.99 5.10 17.89
N PHE B 127 -4.30 6.13 18.30
CA PHE B 127 -4.85 7.21 19.12
C PHE B 127 -4.82 8.46 18.25
N GLY B 128 -5.96 8.81 17.67
CA GLY B 128 -6.04 9.86 16.66
C GLY B 128 -6.49 11.19 17.21
N LEU B 129 -5.82 12.25 16.77
CA LEU B 129 -6.07 13.64 17.20
C LEU B 129 -6.40 14.52 16.00
N SER B 130 -7.52 15.24 16.11
CA SER B 130 -8.04 16.26 15.16
C SER B 130 -8.64 15.69 13.88
N VAL B 131 -7.90 14.85 13.18
CA VAL B 131 -8.31 14.31 11.87
C VAL B 131 -8.97 12.95 12.07
N PRO B 132 -10.28 12.82 11.86
CA PRO B 132 -10.91 11.56 12.03
C PRO B 132 -10.64 10.60 10.87
N PHE B 133 -10.75 9.31 11.14
CA PHE B 133 -10.64 8.33 10.07
C PHE B 133 -11.92 8.33 9.26
N VAL B 134 -11.77 8.48 7.95
CA VAL B 134 -12.82 8.38 6.96
C VAL B 134 -12.41 7.28 6.00
N THR B 135 -13.20 6.22 5.81
CA THR B 135 -12.67 5.20 4.92
C THR B 135 -12.51 5.79 3.53
N ARG B 136 -11.58 5.18 2.78
CA ARG B 136 -11.33 5.64 1.42
C ARG B 136 -12.59 5.50 0.58
N GLY B 137 -12.80 6.44 -0.33
CA GLY B 137 -14.04 6.42 -1.09
C GLY B 137 -13.86 6.24 -2.59
N GLU B 138 -14.92 6.54 -3.34
CA GLU B 138 -14.82 6.56 -4.79
C GLU B 138 -14.17 7.84 -5.31
N SER B 139 -13.98 8.85 -4.45
CA SER B 139 -13.80 10.27 -4.72
C SER B 139 -12.67 10.84 -3.90
N SER B 140 -11.61 11.47 -4.41
CA SER B 140 -10.69 12.20 -3.54
C SER B 140 -11.27 13.56 -3.16
N VAL B 141 -10.80 14.09 -2.02
CA VAL B 141 -11.28 15.37 -1.53
C VAL B 141 -11.01 16.48 -2.54
N PHE B 142 -9.88 16.39 -3.23
CA PHE B 142 -9.54 17.40 -4.23
C PHE B 142 -10.54 17.38 -5.38
N GLU B 143 -10.99 16.19 -5.77
CA GLU B 143 -11.93 16.08 -6.87
C GLU B 143 -13.30 16.68 -6.49
N ARG B 144 -13.81 16.36 -5.30
CA ARG B 144 -15.07 16.95 -4.85
C ARG B 144 -14.98 18.47 -4.77
N MET B 145 -13.88 19.01 -4.23
CA MET B 145 -13.77 20.46 -4.11
C MET B 145 -13.77 21.11 -5.49
N ARG B 146 -13.11 20.48 -6.46
CA ARG B 146 -13.08 21.04 -7.80
C ARG B 146 -14.46 21.01 -8.45
N GLU B 147 -15.12 19.85 -8.42
CA GLU B 147 -16.38 19.81 -9.15
C GLU B 147 -17.45 20.64 -8.47
N SER B 148 -17.33 20.97 -7.20
CA SER B 148 -18.30 21.81 -6.51
C SER B 148 -17.87 23.28 -6.46
N GLY B 149 -16.79 23.65 -7.15
CA GLY B 149 -16.44 25.04 -7.34
C GLY B 149 -15.48 25.68 -6.36
N ARG B 150 -14.80 24.90 -5.50
CA ARG B 150 -14.04 25.45 -4.38
C ARG B 150 -12.54 25.49 -4.64
N GLN B 151 -12.12 25.60 -5.91
CA GLN B 151 -10.73 25.66 -6.34
C GLN B 151 -9.97 26.83 -5.72
N ASP B 152 -10.67 27.93 -5.49
CA ASP B 152 -10.06 29.12 -4.88
C ASP B 152 -10.36 29.22 -3.38
N ASP B 153 -11.08 28.26 -2.82
CA ASP B 153 -11.54 28.30 -1.42
C ASP B 153 -10.91 27.22 -0.55
N PHE B 154 -10.84 26.00 -1.04
CA PHE B 154 -10.28 24.90 -0.26
C PHE B 154 -8.80 25.16 -0.02
N TYR B 155 -8.42 25.34 1.24
CA TYR B 155 -7.06 25.78 1.57
C TYR B 155 -5.97 24.88 1.01
N MET B 156 -6.24 23.57 0.88
CA MET B 156 -5.16 22.66 0.47
C MET B 156 -4.58 23.06 -0.87
N PHE B 157 -5.41 23.59 -1.78
CA PHE B 157 -4.89 24.03 -3.08
C PHE B 157 -3.85 25.13 -2.90
N GLU B 158 -4.10 26.05 -1.97
CA GLU B 158 -3.13 27.11 -1.69
C GLU B 158 -1.82 26.52 -1.17
N GLN B 159 -1.90 25.56 -0.26
CA GLN B 159 -0.71 24.86 0.30
C GLN B 159 0.07 24.08 -0.76
N ILE B 160 -0.60 23.46 -1.74
CA ILE B 160 0.05 22.63 -2.79
C ILE B 160 0.86 23.49 -3.75
N ARG B 161 0.48 24.75 -3.91
CA ARG B 161 1.23 25.63 -4.82
C ARG B 161 2.69 25.74 -4.37
N PRO B 162 3.65 25.68 -5.30
CA PRO B 162 5.08 25.87 -5.01
C PRO B 162 5.46 27.13 -4.20
N ASP B 163 4.74 28.22 -4.37
CA ASP B 163 4.91 29.52 -3.68
C ASP B 163 4.51 29.46 -2.21
N ALA B 164 3.80 28.40 -1.78
CA ALA B 164 3.40 28.20 -0.38
C ALA B 164 4.69 28.09 0.44
N ASP B 165 5.76 27.53 -0.14
CA ASP B 165 7.07 27.61 0.50
C ASP B 165 7.35 29.02 0.96
N GLN B 166 7.19 29.99 0.06
CA GLN B 166 7.56 31.35 0.41
C GLN B 166 6.57 32.00 1.35
N ILE B 167 5.28 31.70 1.20
CA ILE B 167 4.37 32.48 2.03
C ILE B 167 4.34 31.93 3.45
N TRP B 168 4.94 30.76 3.71
CA TRP B 168 5.12 30.25 5.06
C TRP B 168 6.49 30.56 5.66
N ALA B 169 7.46 30.98 4.84
CA ALA B 169 8.86 30.87 5.23
C ALA B 169 9.20 31.62 6.52
N ASP B 170 8.48 32.71 6.82
CA ASP B 170 8.82 33.58 7.94
C ASP B 170 8.29 32.94 9.23
N ALA B 171 9.07 31.97 9.76
CA ALA B 171 8.58 31.11 10.84
C ALA B 171 8.25 31.90 12.10
N ALA B 172 9.04 32.93 12.41
CA ALA B 172 8.79 33.75 13.59
C ALA B 172 7.36 34.30 13.62
N VAL B 173 6.77 34.51 12.43
CA VAL B 173 5.41 35.03 12.29
C VAL B 173 4.40 33.90 12.07
N THR B 174 4.72 32.92 11.22
CA THR B 174 3.69 31.98 10.77
C THR B 174 3.42 30.86 11.76
N ILE B 175 4.40 30.50 12.58
CA ILE B 175 4.20 29.47 13.60
C ILE B 175 3.30 30.02 14.71
N PRO B 176 3.65 31.15 15.35
CA PRO B 176 2.67 31.74 16.30
C PRO B 176 1.32 32.04 15.65
N GLY B 177 1.30 32.44 14.38
CA GLY B 177 0.03 32.74 13.74
C GLY B 177 -0.87 31.51 13.63
N ILE B 178 -0.33 30.43 13.05
CA ILE B 178 -1.16 29.23 12.93
C ILE B 178 -1.51 28.69 14.30
N LEU B 179 -0.60 28.77 15.28
CA LEU B 179 -0.95 28.32 16.62
C LEU B 179 -2.13 29.10 17.16
N TYR B 180 -2.19 30.39 16.86
CA TYR B 180 -3.28 31.21 17.35
C TYR B 180 -4.56 31.00 16.55
N TRP B 181 -4.51 31.16 15.21
CA TRP B 181 -5.74 31.26 14.44
C TRP B 181 -6.46 29.93 14.24
N ALA B 182 -5.79 28.80 14.46
CA ALA B 182 -6.46 27.51 14.43
C ALA B 182 -6.79 26.99 15.83
N SER B 183 -6.65 27.82 16.85
CA SER B 183 -6.91 27.42 18.23
C SER B 183 -8.26 27.94 18.68
N GLY B 184 -8.71 27.40 19.81
CA GLY B 184 -9.95 27.85 20.42
C GLY B 184 -9.85 29.21 21.06
N SER B 185 -8.73 29.89 20.92
CA SER B 185 -8.49 31.19 21.53
C SER B 185 -8.82 32.35 20.60
N ALA B 186 -8.75 32.11 19.31
CA ALA B 186 -9.09 33.17 18.38
C ALA B 186 -10.58 33.49 18.50
N PRO B 187 -10.96 34.75 18.29
CA PRO B 187 -12.38 35.11 18.46
C PRO B 187 -13.25 34.30 17.52
N GLU B 188 -14.41 33.88 18.02
CA GLU B 188 -15.32 33.12 17.18
C GLU B 188 -15.69 33.92 15.94
N GLY B 189 -15.69 33.25 14.81
CA GLY B 189 -15.90 33.90 13.54
C GLY B 189 -14.64 34.39 12.87
N GLU B 190 -13.52 34.46 13.57
CA GLU B 190 -12.20 34.82 13.07
C GLU B 190 -11.30 33.60 12.88
N GLN B 191 -11.68 32.48 13.52
CA GLN B 191 -10.94 31.22 13.49
C GLN B 191 -10.67 30.78 12.06
N TRP B 192 -9.55 30.13 11.84
CA TRP B 192 -9.27 29.56 10.52
C TRP B 192 -10.43 28.68 10.08
N SER B 193 -10.79 28.80 8.79
CA SER B 193 -11.75 27.89 8.21
C SER B 193 -11.18 27.41 6.87
N PRO B 194 -11.28 26.11 6.61
CA PRO B 194 -10.60 25.56 5.43
C PRO B 194 -11.16 26.04 4.11
N LEU B 195 -12.37 26.61 4.08
CA LEU B 195 -12.98 27.03 2.84
C LEU B 195 -13.05 28.54 2.69
N ASP B 196 -12.35 29.28 3.54
CA ASP B 196 -12.32 30.75 3.51
C ASP B 196 -10.90 31.21 3.27
N ARG B 197 -10.63 31.78 2.10
CA ARG B 197 -9.30 32.28 1.79
C ARG B 197 -8.92 33.53 2.61
N THR B 198 -9.89 34.18 3.29
CA THR B 198 -9.58 35.38 4.09
C THR B 198 -9.18 35.07 5.52
N ARG B 199 -9.64 33.96 6.08
CA ARG B 199 -9.17 33.52 7.39
C ARG B 199 -8.12 32.41 7.23
N SER B 200 -6.99 32.78 6.61
CA SER B 200 -5.94 31.81 6.32
C SER B 200 -5.28 31.27 7.60
N LEU B 201 -4.52 30.19 7.42
CA LEU B 201 -3.80 29.54 8.51
C LEU B 201 -2.58 30.33 8.97
N TYR B 202 -2.00 31.14 8.07
CA TYR B 202 -0.69 31.73 8.29
C TYR B 202 -0.75 33.21 8.65
N ARG B 203 -1.94 33.71 8.98
CA ARG B 203 -2.08 35.09 9.44
C ARG B 203 -1.18 35.36 10.64
N ALA B 204 -0.60 36.56 10.67
CA ALA B 204 0.19 36.96 11.83
C ALA B 204 -0.69 36.93 13.08
N ALA B 205 -0.11 36.46 14.18
CA ALA B 205 -0.83 36.50 15.44
C ALA B 205 -0.91 37.94 15.95
N PRO B 206 -1.99 38.28 16.64
CA PRO B 206 -2.20 39.68 17.05
C PRO B 206 -1.66 39.95 18.46
N GLY B 207 -0.39 39.61 18.69
CA GLY B 207 0.18 39.76 20.00
C GLY B 207 0.46 38.44 20.70
N PRO B 208 0.66 38.50 22.01
CA PRO B 208 1.20 37.35 22.73
C PRO B 208 0.28 36.14 22.68
N LEU B 209 0.92 34.96 22.64
CA LEU B 209 0.19 33.71 22.53
C LEU B 209 -0.50 33.38 23.84
N PRO B 210 -1.64 32.68 23.78
CA PRO B 210 -2.36 32.29 25.00
C PRO B 210 -1.48 31.45 25.92
N SER B 211 -1.90 31.39 27.18
CA SER B 211 -1.09 30.72 28.18
C SER B 211 -0.86 29.24 27.86
N TRP B 212 -1.80 28.60 27.14
CA TRP B 212 -1.65 27.17 26.86
C TRP B 212 -0.47 26.86 25.95
N ALA B 213 0.06 27.86 25.25
CA ALA B 213 1.12 27.65 24.28
C ALA B 213 2.46 27.77 25.01
N GLU B 214 3.13 26.65 25.20
CA GLU B 214 4.33 26.64 26.01
C GLU B 214 5.46 27.35 25.26
N ALA B 215 6.05 28.36 25.93
CA ALA B 215 7.03 29.22 25.29
C ALA B 215 8.22 28.44 24.78
N ASP B 216 8.62 27.38 25.50
CA ASP B 216 9.74 26.57 25.06
C ASP B 216 9.40 25.82 23.77
N TYR B 217 8.14 25.42 23.61
CA TYR B 217 7.73 24.72 22.41
C TYR B 217 7.66 25.67 21.22
N VAL B 218 7.03 26.83 21.42
CA VAL B 218 6.93 27.82 20.36
C VAL B 218 8.31 28.27 19.90
N ALA B 219 9.23 28.50 20.85
CA ALA B 219 10.59 28.88 20.45
C ALA B 219 11.30 27.76 19.71
N HIS B 220 11.14 26.52 20.18
CA HIS B 220 11.78 25.38 19.54
C HIS B 220 11.36 25.28 18.08
N ASN B 221 10.05 25.37 17.82
CA ASN B 221 9.54 25.17 16.45
C ASN B 221 9.87 26.36 15.56
N ILE B 222 9.91 27.57 16.11
CA ILE B 222 10.37 28.72 15.32
C ILE B 222 11.81 28.49 14.83
N ALA B 223 12.67 27.97 15.72
CA ALA B 223 14.06 27.73 15.36
C ALA B 223 14.16 26.62 14.32
N GLU B 224 13.41 25.53 14.51
CA GLU B 224 13.44 24.43 13.56
C GLU B 224 13.05 24.90 12.17
N PHE B 225 11.94 25.64 12.07
CA PHE B 225 11.44 26.01 10.76
C PHE B 225 12.16 27.20 10.16
N ARG B 226 12.92 27.98 10.95
CA ARG B 226 13.79 28.96 10.30
C ARG B 226 14.93 28.26 9.57
N ARG B 227 15.39 27.12 10.10
CA ARG B 227 16.47 26.37 9.47
C ARG B 227 15.97 25.56 8.26
N THR B 228 14.89 24.78 8.44
CA THR B 228 14.38 23.84 7.45
C THR B 228 13.59 24.49 6.33
N GLY B 229 12.88 25.57 6.64
CA GLY B 229 11.82 25.99 5.74
C GLY B 229 10.66 24.99 5.78
N PHE B 230 9.68 25.24 4.91
CA PHE B 230 8.43 24.51 4.96
C PHE B 230 8.20 23.57 3.77
N HIS B 231 9.19 23.43 2.88
CA HIS B 231 8.96 22.69 1.63
C HIS B 231 8.54 21.24 1.89
N GLY B 232 9.20 20.56 2.84
CA GLY B 232 8.85 19.18 3.11
C GLY B 232 7.49 19.05 3.78
N GLY B 233 7.21 19.89 4.77
CA GLY B 233 5.91 19.85 5.41
C GLY B 233 4.79 20.04 4.42
N LEU B 234 4.89 21.09 3.58
CA LEU B 234 3.90 21.37 2.55
C LEU B 234 3.80 20.24 1.53
N ASN B 235 4.87 19.45 1.35
CA ASN B 235 4.83 18.31 0.44
C ASN B 235 3.82 17.27 0.86
N TYR B 236 3.40 17.25 2.13
CA TYR B 236 2.35 16.31 2.52
C TYR B 236 1.05 16.61 1.78
N TYR B 237 0.74 17.89 1.55
CA TYR B 237 -0.45 18.25 0.79
C TYR B 237 -0.29 17.90 -0.68
N ARG B 238 0.86 18.23 -1.24
CA ARG B 238 1.14 17.93 -2.67
C ARG B 238 1.07 16.43 -2.97
N ALA B 239 1.25 15.57 -1.98
CA ALA B 239 1.28 14.12 -2.20
C ALA B 239 -0.11 13.50 -2.09
N ALA B 240 -1.03 14.14 -1.38
CA ALA B 240 -2.35 13.56 -1.08
C ALA B 240 -3.16 13.19 -2.34
N GLU B 241 -3.18 14.03 -3.35
CA GLU B 241 -3.99 13.69 -4.55
C GLU B 241 -3.31 12.59 -5.37
N PRO B 242 -2.01 12.66 -5.68
CA PRO B 242 -1.35 11.56 -6.35
C PRO B 242 -1.55 10.27 -5.55
N TYR B 243 -1.66 10.40 -4.23
CA TYR B 243 -1.82 9.22 -3.41
C TYR B 243 -3.22 8.61 -3.52
N PHE B 244 -4.21 9.36 -3.97
CA PHE B 244 -5.53 8.76 -4.14
C PHE B 244 -5.48 7.56 -5.08
N THR B 245 -4.67 7.65 -6.13
CA THR B 245 -4.52 6.52 -7.06
C THR B 245 -3.95 5.29 -6.37
N LEU B 246 -2.92 5.45 -5.54
CA LEU B 246 -2.27 4.30 -4.92
C LEU B 246 -3.02 3.75 -3.72
N SER B 247 -4.00 4.47 -3.21
CA SER B 247 -4.75 4.05 -2.04
C SER B 247 -5.96 3.21 -2.38
N ALA B 248 -6.23 3.00 -3.67
CA ALA B 248 -7.38 2.19 -4.10
C ALA B 248 -7.48 0.81 -3.45
N PRO B 249 -6.40 0.10 -3.13
CA PRO B 249 -6.57 -1.16 -2.39
C PRO B 249 -7.40 -1.06 -1.10
N TRP B 250 -7.44 0.10 -0.46
CA TRP B 250 -8.13 0.25 0.81
C TRP B 250 -9.47 0.94 0.67
N LYS B 251 -10.08 0.79 -0.50
CA LYS B 251 -11.34 1.44 -0.83
C LYS B 251 -12.36 1.31 0.30
N GLY B 252 -12.71 0.11 0.70
CA GLY B 252 -13.68 0.12 1.78
C GLY B 252 -13.11 -0.23 3.14
N ALA B 253 -11.79 -0.11 3.29
CA ALA B 253 -11.09 -0.76 4.39
C ALA B 253 -11.39 -0.08 5.72
N LYS B 254 -11.50 -0.90 6.76
CA LYS B 254 -11.77 -0.46 8.12
C LYS B 254 -10.61 -0.81 9.05
N ILE B 255 -10.46 0.00 10.09
CA ILE B 255 -9.44 -0.22 11.10
C ILE B 255 -10.11 -0.96 12.25
N THR B 256 -9.68 -2.20 12.51
CA THR B 256 -10.34 -3.01 13.53
C THR B 256 -9.60 -3.05 14.86
N GLN B 257 -8.33 -2.67 14.91
CA GLN B 257 -7.62 -2.64 16.19
C GLN B 257 -8.21 -1.53 17.06
N PRO B 258 -8.04 -1.61 18.38
CA PRO B 258 -8.56 -0.55 19.24
C PRO B 258 -8.08 0.83 18.78
N SER B 259 -8.98 1.81 18.87
CA SER B 259 -8.66 3.18 18.53
C SER B 259 -9.31 4.12 19.55
N PHE B 260 -9.02 5.40 19.38
CA PHE B 260 -9.51 6.46 20.25
C PHE B 260 -9.35 7.77 19.49
N PHE B 261 -10.31 8.69 19.65
CA PHE B 261 -10.26 9.90 18.85
C PHE B 261 -10.64 11.13 19.67
N ILE B 262 -9.84 12.20 19.54
CA ILE B 262 -10.08 13.48 20.21
C ILE B 262 -9.89 14.62 19.21
N TRP B 263 -10.84 15.54 19.17
CA TRP B 263 -10.65 16.82 18.50
C TRP B 263 -11.30 17.91 19.34
N GLY B 264 -11.06 19.16 18.94
CA GLY B 264 -11.66 20.32 19.58
C GLY B 264 -12.89 20.81 18.82
N LYS B 265 -13.91 21.20 19.58
CA LYS B 265 -15.13 21.63 18.92
C LYS B 265 -14.97 22.95 18.17
N SER B 266 -13.95 23.75 18.48
CA SER B 266 -13.66 24.97 17.75
C SER B 266 -12.66 24.77 16.62
N ASP B 267 -12.32 23.52 16.29
CA ASP B 267 -11.43 23.24 15.17
C ASP B 267 -12.19 23.48 13.86
N GLY B 268 -11.71 24.41 13.06
CA GLY B 268 -12.26 24.65 11.74
C GLY B 268 -12.32 23.40 10.88
N LEU B 269 -11.50 22.40 11.21
CA LEU B 269 -11.51 21.14 10.46
C LEU B 269 -12.86 20.47 10.50
N LYS B 270 -13.61 20.66 11.60
CA LYS B 270 -14.89 19.99 11.78
C LYS B 270 -15.85 20.26 10.62
N GLU B 271 -15.72 21.43 9.97
CA GLU B 271 -16.58 21.74 8.84
C GLU B 271 -16.47 20.71 7.70
N LEU B 272 -15.41 19.91 7.67
CA LEU B 272 -15.21 18.91 6.62
C LEU B 272 -15.60 17.50 7.05
N TYR B 273 -15.92 17.36 8.32
CA TYR B 273 -16.36 16.06 8.87
C TYR B 273 -17.63 16.28 9.66
N PRO B 274 -18.81 16.37 9.02
CA PRO B 274 -20.07 16.67 9.71
C PRO B 274 -20.79 15.48 10.36
N PHE B 275 -20.03 14.48 10.75
CA PHE B 275 -20.53 13.24 11.35
C PHE B 275 -20.29 13.29 12.85
N THR B 276 -21.06 12.45 13.56
CA THR B 276 -20.93 12.34 15.03
C THR B 276 -19.84 11.34 15.36
N LEU B 277 -19.55 11.22 16.64
CA LEU B 277 -18.52 10.31 17.19
C LEU B 277 -19.08 8.89 17.13
N GLN B 278 -20.39 8.76 17.21
CA GLN B 278 -21.08 7.46 17.07
C GLN B 278 -20.91 6.98 15.63
N GLN B 279 -20.94 7.88 14.66
CA GLN B 279 -20.80 7.50 13.23
C GLN B 279 -19.35 7.24 12.81
N MET B 280 -18.38 7.46 13.69
CA MET B 280 -16.98 7.17 13.36
C MET B 280 -16.70 5.68 13.57
N ARG B 281 -17.57 4.93 14.24
CA ARG B 281 -17.31 3.47 14.42
C ARG B 281 -17.53 2.75 13.10
N ALA B 282 -18.38 3.28 12.23
CA ALA B 282 -18.38 2.69 10.89
C ALA B 282 -17.05 3.17 10.35
N GLY B 283 -16.12 2.28 10.08
CA GLY B 283 -14.78 2.76 9.70
C GLY B 283 -13.82 2.44 10.83
N LEU B 284 -14.21 2.77 12.04
CA LEU B 284 -13.37 2.43 13.22
C LEU B 284 -14.15 1.54 14.18
N PRO B 285 -14.48 0.27 13.88
CA PRO B 285 -15.24 -0.61 14.77
C PRO B 285 -14.60 -0.91 16.13
N GLY B 286 -13.28 -0.78 16.23
CA GLY B 286 -12.57 -0.91 17.51
C GLY B 286 -12.46 0.40 18.26
N LEU B 287 -13.24 1.42 17.92
CA LEU B 287 -13.13 2.67 18.68
C LEU B 287 -13.62 2.44 20.11
N MET B 288 -12.74 2.75 21.08
CA MET B 288 -13.05 2.58 22.49
C MET B 288 -13.61 3.85 23.13
N GLY B 289 -13.85 4.89 22.35
CA GLY B 289 -14.35 6.14 22.90
C GLY B 289 -13.76 7.35 22.21
N GLY B 290 -14.55 8.42 22.13
CA GLY B 290 -14.11 9.67 21.53
C GLY B 290 -14.23 10.82 22.52
N LEU B 291 -13.80 11.99 22.06
CA LEU B 291 -13.84 13.16 22.95
C LEU B 291 -13.90 14.43 22.11
N GLU B 292 -14.94 15.22 22.31
CA GLU B 292 -15.05 16.56 21.76
C GLU B 292 -14.82 17.56 22.89
N LEU B 293 -13.75 18.35 22.80
CA LEU B 293 -13.43 19.31 23.85
C LEU B 293 -14.02 20.68 23.52
N ASP B 294 -14.76 21.25 24.47
CA ASP B 294 -15.28 22.61 24.28
C ASP B 294 -14.15 23.63 24.26
N ASN B 295 -14.29 24.61 23.37
CA ASN B 295 -13.38 25.76 23.29
C ASN B 295 -11.94 25.34 23.03
N VAL B 296 -11.73 24.21 22.38
CA VAL B 296 -10.41 23.79 21.94
C VAL B 296 -10.42 23.85 20.41
N GLY B 297 -9.31 24.32 19.83
CA GLY B 297 -9.18 24.34 18.39
C GLY B 297 -8.40 23.17 17.85
N HIS B 298 -7.43 23.45 16.98
CA HIS B 298 -6.71 22.40 16.29
C HIS B 298 -5.58 21.81 17.12
N TRP B 299 -4.99 22.59 18.00
CA TRP B 299 -3.75 22.19 18.70
C TRP B 299 -4.07 21.53 20.03
N VAL B 300 -4.78 20.39 19.97
CA VAL B 300 -5.37 19.79 21.17
C VAL B 300 -4.32 19.34 22.18
N GLN B 301 -3.15 18.88 21.72
CA GLN B 301 -2.12 18.40 22.64
C GLN B 301 -1.38 19.54 23.34
N HIS B 302 -1.65 20.78 22.95
CA HIS B 302 -1.20 21.96 23.68
C HIS B 302 -2.34 22.70 24.35
N GLU B 303 -3.42 22.96 23.61
CA GLU B 303 -4.59 23.64 24.17
C GLU B 303 -5.22 22.86 25.31
N ALA B 304 -5.21 21.52 25.24
CA ALA B 304 -5.72 20.65 26.30
C ALA B 304 -4.70 19.56 26.61
N SER B 305 -3.45 20.00 26.85
CA SER B 305 -2.31 19.12 27.10
C SER B 305 -2.61 18.05 28.13
N ALA B 306 -3.15 18.46 29.29
CA ALA B 306 -3.29 17.50 30.39
C ALA B 306 -4.40 16.49 30.10
N GLU B 307 -5.48 16.90 29.46
CA GLU B 307 -6.48 15.87 29.23
C GLU B 307 -6.11 15.01 28.02
N VAL B 308 -5.29 15.46 27.08
CA VAL B 308 -4.77 14.53 26.08
C VAL B 308 -3.89 13.48 26.74
N SER B 309 -2.92 13.92 27.55
CA SER B 309 -2.06 12.99 28.30
C SER B 309 -2.87 11.97 29.07
N GLU B 310 -3.91 12.47 29.74
CA GLU B 310 -4.78 11.65 30.56
C GLU B 310 -5.51 10.58 29.75
N GLN B 311 -6.21 10.99 28.68
CA GLN B 311 -6.90 10.02 27.85
C GLN B 311 -5.94 9.01 27.26
N LEU B 312 -4.74 9.46 26.88
CA LEU B 312 -3.75 8.54 26.30
C LEU B 312 -3.30 7.51 27.32
N VAL B 313 -3.02 7.93 28.56
CA VAL B 313 -2.71 6.98 29.61
C VAL B 313 -3.85 5.98 29.78
N ARG B 314 -5.08 6.49 29.94
CA ARG B 314 -6.22 5.58 30.12
C ARG B 314 -6.38 4.64 28.93
N PHE B 315 -6.25 5.17 27.71
CA PHE B 315 -6.35 4.35 26.50
C PHE B 315 -5.31 3.23 26.51
N LEU B 316 -4.04 3.58 26.71
CA LEU B 316 -2.96 2.59 26.71
C LEU B 316 -3.24 1.45 27.70
N ARG B 317 -3.72 1.78 28.89
CA ARG B 317 -4.07 0.73 29.85
C ARG B 317 -5.17 -0.18 29.32
N THR B 318 -6.20 0.41 28.71
CA THR B 318 -7.25 -0.40 28.11
C THR B 318 -6.71 -1.28 26.98
N VAL B 319 -5.81 -0.74 26.19
CA VAL B 319 -5.17 -1.54 25.10
C VAL B 319 -4.36 -2.68 25.72
N ASP B 320 -3.72 -2.42 26.85
CA ASP B 320 -2.91 -3.45 27.55
C ASP B 320 -3.79 -4.63 27.93
N ALA B 321 -4.94 -4.33 28.53
CA ALA B 321 -5.95 -5.30 28.96
C ALA B 321 -6.49 -6.11 27.77
N VAL B 322 -6.75 -5.45 26.66
CA VAL B 322 -7.28 -6.12 25.44
C VAL B 322 -6.17 -7.04 24.94
N LEU B 323 -4.96 -6.52 24.80
CA LEU B 323 -3.80 -7.25 24.25
C LEU B 323 -3.44 -8.47 25.11
N SER B 324 -3.89 -8.52 26.35
CA SER B 324 -3.57 -9.64 27.22
C SER B 324 -4.72 -10.66 27.37
#